data_6EQM
#
_entry.id   6EQM
#
_cell.length_a   47.660
_cell.length_b   76.650
_cell.length_c   104.540
_cell.angle_alpha   90.000
_cell.angle_beta   90.000
_cell.angle_gamma   90.000
#
_symmetry.space_group_name_H-M   'P 21 21 21'
#
loop_
_entity.id
_entity.type
_entity.pdbx_description
1 polymer 'Beta-secretase 1'
2 non-polymer ~{N}-[6-[(3~{R},6~{R})-5-azanyl-3,6-dimethyl-6-(trifluoromethyl)-2~{H}-1,4-oxazin-3-yl]-5-fluoranyl-pyridin-2-yl]-3-chloranyl-5-(trifluoromethyl)pyridine-2-carboxamide
3 water water
#
_entity_poly.entity_id   1
_entity_poly.type   'polypeptide(L)'
_entity_poly.pdbx_seq_one_letter_code
;GPDEEPEEPGRRGSFVEMVDNLRGKSGQGYYVEMTVGSPPQTLNILVDTGSSNFAVGAAPHPFLHRYYQRQLSSTYRDLR
KGVYVPYTQGKWEGELGTDLVSIPHGPNVTVRANIAAITESDKFFINGSNWEGILGLAYAEIARPDDSLEPFFDSLVKQT
HVPNLFSLQLCGAGFPLNQSEVLASVGGSMIIGGIDHSLYTGSLWYTPIRREWYYEVIIVRVEINGQDLKMDCKEYNYDK
SIVDSGTTNLRLPKKVFEAAVKSIKAASSTEKFPDGFWLGEQLVCWQAGTTPWNIFPVISLYLMGEVTNQSFRITILPQQ
YLRPVEDVATSQDDCYKFAISQSSTGTVMGAVIMEGFYVVFDRARKRIGFAVSACHVHDEFRTAAVEGPFVTLDMEDCGY
NI
;
_entity_poly.pdbx_strand_id   A
#
loop_
_chem_comp.id
_chem_comp.type
_chem_comp.name
_chem_comp.formula
BUH non-polymer ~{N}-[6-[(3~{R},6~{R})-5-azanyl-3,6-dimethyl-6-(trifluoromethyl)-2~{H}-1,4-oxazin-3-yl]-5-fluoranyl-pyridin-2-yl]-3-chloranyl-5-(trifluoromethyl)pyridine-2-carboxamide 'C19 H15 Cl F7 N5 O2'
#
# COMPACT_ATOMS: atom_id res chain seq x y z
N SER A 14 20.03 -2.65 12.85
CA SER A 14 20.29 -1.35 12.24
C SER A 14 19.45 -1.16 11.00
N PHE A 15 19.14 0.12 10.67
CA PHE A 15 18.35 0.43 9.46
C PHE A 15 19.07 0.00 8.20
N VAL A 16 20.42 0.09 8.16
CA VAL A 16 21.18 -0.36 6.99
C VAL A 16 20.91 -1.88 6.71
N GLU A 17 20.79 -2.72 7.77
CA GLU A 17 20.47 -4.15 7.66
C GLU A 17 19.01 -4.38 7.19
N MET A 18 18.15 -3.37 7.32
N MET A 18 18.14 -3.36 7.36
CA MET A 18 16.75 -3.47 6.93
CA MET A 18 16.73 -3.42 6.98
C MET A 18 16.51 -3.04 5.49
C MET A 18 16.46 -2.93 5.55
N VAL A 19 17.45 -2.28 4.91
CA VAL A 19 17.29 -1.81 3.53
C VAL A 19 17.19 -3.01 2.56
N ASP A 20 16.28 -2.93 1.57
CA ASP A 20 16.05 -3.97 0.57
C ASP A 20 15.51 -5.27 1.17
N ASN A 21 14.74 -5.17 2.30
CA ASN A 21 14.15 -6.34 2.93
C ASN A 21 12.80 -6.71 2.29
N LEU A 22 12.34 -5.93 1.27
CA LEU A 22 11.09 -6.32 0.61
C LEU A 22 11.35 -6.84 -0.79
N ARG A 23 10.51 -7.79 -1.22
CA ARG A 23 10.54 -8.33 -2.58
C ARG A 23 9.10 -8.50 -3.06
N GLY A 24 8.92 -8.85 -4.31
CA GLY A 24 7.60 -9.16 -4.82
C GLY A 24 7.60 -9.15 -6.32
N LYS A 25 6.43 -9.38 -6.89
CA LYS A 25 6.15 -9.30 -8.33
C LYS A 25 5.27 -8.04 -8.50
N SER A 26 5.53 -7.21 -9.54
CA SER A 26 4.78 -5.97 -9.79
C SER A 26 3.27 -6.23 -9.78
N GLY A 27 2.55 -5.46 -8.96
CA GLY A 27 1.12 -5.59 -8.82
C GLY A 27 0.63 -6.83 -8.09
N GLN A 28 1.54 -7.63 -7.46
CA GLN A 28 1.17 -8.85 -6.72
C GLN A 28 1.35 -8.70 -5.19
N GLY A 29 2.07 -7.70 -4.80
CA GLY A 29 2.29 -7.39 -3.39
C GLY A 29 3.73 -7.48 -2.96
N TYR A 30 4.12 -6.56 -2.09
CA TYR A 30 5.45 -6.56 -1.52
C TYR A 30 5.45 -7.37 -0.24
N TYR A 31 6.44 -8.24 -0.07
CA TYR A 31 6.49 -9.10 1.10
C TYR A 31 7.84 -9.03 1.79
N VAL A 32 7.83 -9.35 3.09
CA VAL A 32 8.99 -9.37 3.95
C VAL A 32 9.09 -10.78 4.51
N GLU A 33 10.32 -11.22 4.76
CA GLU A 33 10.48 -12.55 5.34
C GLU A 33 10.20 -12.45 6.83
N MET A 34 9.48 -13.44 7.37
CA MET A 34 9.24 -13.49 8.78
C MET A 34 9.44 -14.90 9.26
N THR A 35 9.61 -15.09 10.56
CA THR A 35 9.61 -16.43 11.10
C THR A 35 8.48 -16.53 12.12
N VAL A 36 7.87 -17.70 12.19
CA VAL A 36 6.80 -18.00 13.12
C VAL A 36 7.16 -19.33 13.81
N GLY A 37 6.92 -19.39 15.11
CA GLY A 37 7.07 -20.62 15.89
C GLY A 37 8.47 -20.88 16.40
N SER A 38 8.55 -22.00 17.11
CA SER A 38 9.82 -22.47 17.66
C SER A 38 9.81 -24.01 17.51
N PRO A 39 10.75 -24.56 16.71
CA PRO A 39 11.83 -23.89 15.98
C PRO A 39 11.25 -22.96 14.88
N PRO A 40 11.98 -21.90 14.47
CA PRO A 40 11.37 -20.95 13.52
C PRO A 40 11.06 -21.51 12.15
N GLN A 41 9.85 -21.16 11.66
CA GLN A 41 9.41 -21.50 10.32
C GLN A 41 9.40 -20.21 9.47
N THR A 42 10.17 -20.20 8.40
CA THR A 42 10.31 -19.03 7.54
C THR A 42 9.15 -18.94 6.55
N LEU A 43 8.55 -17.72 6.45
CA LEU A 43 7.45 -17.49 5.51
C LEU A 43 7.63 -16.11 4.89
N ASN A 44 7.10 -15.93 3.69
CA ASN A 44 7.06 -14.63 3.01
C ASN A 44 5.70 -14.01 3.29
N ILE A 45 5.69 -12.78 3.81
CA ILE A 45 4.46 -12.17 4.31
C ILE A 45 4.19 -10.81 3.68
N LEU A 46 3.00 -10.66 3.08
CA LEU A 46 2.60 -9.42 2.41
C LEU A 46 2.53 -8.25 3.43
N VAL A 47 3.13 -7.11 3.08
CA VAL A 47 3.11 -5.92 3.93
C VAL A 47 1.87 -5.12 3.55
N ASP A 48 0.90 -5.09 4.48
CA ASP A 48 -0.40 -4.51 4.19
C ASP A 48 -0.85 -3.45 5.20
N THR A 49 -0.76 -2.18 4.81
CA THR A 49 -1.22 -1.10 5.69
C THR A 49 -2.74 -0.92 5.67
N GLY A 50 -3.45 -1.73 4.87
CA GLY A 50 -4.90 -1.66 4.75
C GLY A 50 -5.66 -2.69 5.56
N SER A 51 -5.02 -3.43 6.45
CA SER A 51 -5.68 -4.43 7.29
C SER A 51 -4.89 -4.57 8.57
N SER A 52 -5.46 -5.30 9.60
CA SER A 52 -4.87 -5.34 10.91
C SER A 52 -4.69 -6.74 11.50
N ASN A 53 -4.83 -7.78 10.66
CA ASN A 53 -4.60 -9.14 11.14
C ASN A 53 -3.29 -9.65 10.60
N PHE A 54 -2.60 -10.42 11.44
CA PHE A 54 -1.45 -11.21 11.00
C PHE A 54 -2.07 -12.58 10.68
N ALA A 55 -2.19 -12.92 9.39
CA ALA A 55 -2.88 -14.13 8.96
C ALA A 55 -2.02 -14.90 8.03
N VAL A 56 -1.81 -16.18 8.34
CA VAL A 56 -0.86 -16.97 7.55
C VAL A 56 -1.46 -18.29 7.09
N GLY A 57 -1.13 -18.70 5.87
CA GLY A 57 -1.57 -20.01 5.41
C GLY A 57 -1.04 -21.07 6.36
N ALA A 58 -1.94 -21.96 6.78
CA ALA A 58 -1.63 -22.97 7.79
C ALA A 58 -2.05 -24.37 7.39
N ALA A 59 -2.31 -24.55 6.10
CA ALA A 59 -2.67 -25.83 5.51
C ALA A 59 -2.23 -25.81 4.03
N PRO A 60 -1.99 -26.99 3.40
CA PRO A 60 -1.58 -26.99 1.98
C PRO A 60 -2.55 -26.27 1.06
N HIS A 61 -2.01 -25.64 0.00
CA HIS A 61 -2.78 -24.94 -1.03
C HIS A 61 -1.97 -24.97 -2.33
N PRO A 62 -2.62 -25.14 -3.51
CA PRO A 62 -1.87 -25.19 -4.77
C PRO A 62 -0.96 -24.00 -5.05
N PHE A 63 -1.30 -22.81 -4.53
CA PHE A 63 -0.50 -21.61 -4.76
C PHE A 63 0.49 -21.32 -3.63
N LEU A 64 0.52 -22.17 -2.58
CA LEU A 64 1.43 -22.00 -1.44
C LEU A 64 2.64 -22.94 -1.58
N HIS A 65 3.87 -22.39 -1.53
CA HIS A 65 5.09 -23.22 -1.59
C HIS A 65 5.36 -23.85 -0.21
N ARG A 66 4.89 -23.18 0.85
CA ARG A 66 5.04 -23.63 2.22
C ARG A 66 3.93 -22.99 3.08
N TYR A 67 3.78 -23.46 4.29
CA TYR A 67 2.72 -22.98 5.19
C TYR A 67 3.13 -23.21 6.62
N TYR A 68 2.42 -22.56 7.55
CA TYR A 68 2.69 -22.63 8.98
C TYR A 68 2.16 -23.95 9.50
N GLN A 69 3.03 -24.74 10.18
CA GLN A 69 2.68 -26.06 10.72
C GLN A 69 2.69 -25.92 12.23
N ARG A 70 1.52 -25.65 12.81
CA ARG A 70 1.42 -25.40 14.26
C ARG A 70 1.89 -26.54 15.13
N GLN A 71 1.66 -27.78 14.65
CA GLN A 71 2.01 -28.98 15.43
C GLN A 71 3.54 -29.11 15.60
N LEU A 72 4.34 -28.42 14.77
CA LEU A 72 5.79 -28.42 14.86
C LEU A 72 6.32 -27.31 15.75
N SER A 73 5.41 -26.47 16.30
CA SER A 73 5.84 -25.35 17.14
C SER A 73 5.42 -25.58 18.59
N SER A 74 6.41 -25.75 19.48
CA SER A 74 6.12 -25.95 20.90
C SER A 74 5.58 -24.69 21.57
N THR A 75 5.87 -23.50 20.97
CA THR A 75 5.46 -22.21 21.54
C THR A 75 4.08 -21.77 21.08
N TYR A 76 3.45 -22.53 20.18
CA TYR A 76 2.09 -22.20 19.75
C TYR A 76 1.11 -22.32 20.91
N ARG A 77 0.21 -21.34 21.06
CA ARG A 77 -0.86 -21.42 22.04
C ARG A 77 -2.19 -21.21 21.30
N ASP A 78 -3.12 -22.11 21.47
CA ASP A 78 -4.42 -22.07 20.84
C ASP A 78 -5.33 -21.13 21.62
N LEU A 79 -5.97 -20.16 20.92
CA LEU A 79 -6.89 -19.25 21.59
C LEU A 79 -8.33 -19.77 21.59
N ARG A 80 -8.58 -20.94 20.95
CA ARG A 80 -9.91 -21.58 20.89
C ARG A 80 -10.96 -20.63 20.34
N LYS A 81 -10.64 -20.02 19.21
CA LYS A 81 -11.51 -19.07 18.58
C LYS A 81 -11.31 -19.06 17.09
N GLY A 82 -12.42 -19.26 16.39
CA GLY A 82 -12.43 -19.22 14.94
C GLY A 82 -12.53 -17.79 14.45
N VAL A 83 -12.18 -17.61 13.19
CA VAL A 83 -12.26 -16.31 12.52
C VAL A 83 -12.61 -16.57 11.05
N TYR A 84 -13.56 -15.81 10.53
CA TYR A 84 -14.03 -15.89 9.14
C TYR A 84 -13.98 -14.47 8.60
N VAL A 85 -13.22 -14.28 7.53
CA VAL A 85 -13.01 -12.94 6.99
C VAL A 85 -13.31 -12.92 5.53
N PRO A 86 -14.49 -12.40 5.17
CA PRO A 86 -14.80 -12.31 3.75
C PRO A 86 -14.45 -10.92 3.22
N TYR A 87 -13.81 -10.88 2.04
N TYR A 87 -13.85 -10.87 2.02
CA TYR A 87 -13.49 -9.63 1.35
CA TYR A 87 -13.52 -9.61 1.36
C TYR A 87 -14.28 -9.59 0.03
C TYR A 87 -14.39 -9.51 0.10
N THR A 88 -14.16 -8.49 -0.75
CA THR A 88 -14.87 -8.29 -2.02
C THR A 88 -14.51 -9.42 -2.97
N GLN A 89 -13.20 -9.66 -3.14
CA GLN A 89 -12.68 -10.77 -3.91
C GLN A 89 -12.08 -11.77 -2.93
N GLY A 90 -12.76 -12.91 -2.80
CA GLY A 90 -12.32 -13.99 -1.93
C GLY A 90 -12.70 -13.92 -0.46
N LYS A 91 -12.07 -14.81 0.34
CA LYS A 91 -12.34 -14.95 1.77
C LYS A 91 -11.42 -15.98 2.38
N TRP A 92 -11.11 -15.80 3.69
N TRP A 92 -11.36 -16.00 3.70
CA TRP A 92 -10.25 -16.70 4.49
CA TRP A 92 -10.67 -17.09 4.36
C TRP A 92 -10.92 -17.10 5.84
C TRP A 92 -11.27 -17.34 5.70
N GLU A 93 -10.84 -18.41 6.26
CA GLU A 93 -11.36 -18.90 7.53
C GLU A 93 -10.20 -19.55 8.22
N GLY A 94 -10.18 -19.42 9.52
CA GLY A 94 -9.09 -19.98 10.27
C GLY A 94 -9.30 -20.00 11.75
N GLU A 95 -8.20 -20.17 12.46
CA GLU A 95 -8.18 -20.34 13.90
C GLU A 95 -7.20 -19.38 14.50
N LEU A 96 -7.57 -18.81 15.63
CA LEU A 96 -6.64 -17.90 16.30
C LEU A 96 -5.76 -18.60 17.30
N GLY A 97 -4.54 -18.07 17.42
CA GLY A 97 -3.55 -18.53 18.38
C GLY A 97 -2.49 -17.49 18.56
N THR A 98 -1.51 -17.78 19.39
CA THR A 98 -0.37 -16.88 19.55
C THR A 98 0.91 -17.69 19.38
N ASP A 99 1.98 -17.06 18.95
CA ASP A 99 3.26 -17.76 18.82
C ASP A 99 4.38 -16.73 18.72
N LEU A 100 5.62 -17.17 18.75
CA LEU A 100 6.80 -16.33 18.64
C LEU A 100 7.02 -15.96 17.21
N VAL A 101 7.30 -14.67 17.00
CA VAL A 101 7.47 -14.13 15.67
C VAL A 101 8.71 -13.25 15.60
N SER A 102 9.43 -13.31 14.48
CA SER A 102 10.59 -12.46 14.28
CA SER A 102 10.60 -12.46 14.28
C SER A 102 10.67 -12.05 12.81
N ILE A 103 11.44 -10.98 12.53
CA ILE A 103 11.63 -10.46 11.20
C ILE A 103 13.13 -10.52 10.96
N PRO A 104 13.64 -11.55 10.25
CA PRO A 104 15.10 -11.69 10.09
C PRO A 104 15.84 -10.45 9.62
N HIS A 105 15.23 -9.64 8.74
CA HIS A 105 15.83 -8.43 8.23
C HIS A 105 15.09 -7.21 8.73
N GLY A 106 14.61 -7.32 9.96
CA GLY A 106 13.94 -6.25 10.67
C GLY A 106 14.64 -6.03 11.99
N PRO A 107 13.92 -5.55 13.00
CA PRO A 107 14.54 -5.35 14.32
C PRO A 107 15.04 -6.68 14.92
N ASN A 108 16.11 -6.63 15.68
CA ASN A 108 16.71 -7.81 16.31
C ASN A 108 15.94 -8.17 17.58
N VAL A 109 14.69 -8.63 17.40
CA VAL A 109 13.82 -8.97 18.53
C VAL A 109 12.90 -10.14 18.18
N THR A 110 12.40 -10.82 19.18
CA THR A 110 11.40 -11.88 19.00
C THR A 110 10.26 -11.49 19.90
N VAL A 111 9.03 -11.52 19.37
CA VAL A 111 7.89 -11.18 20.19
C VAL A 111 6.81 -12.23 20.08
N ARG A 112 5.92 -12.26 21.05
CA ARG A 112 4.78 -13.17 20.98
C ARG A 112 3.64 -12.35 20.35
N ALA A 113 3.00 -12.90 19.28
CA ALA A 113 1.96 -12.14 18.59
C ALA A 113 0.78 -13.04 18.28
N ASN A 114 -0.39 -12.43 18.08
CA ASN A 114 -1.56 -13.14 17.61
C ASN A 114 -1.28 -13.57 16.18
N ILE A 115 -1.76 -14.76 15.83
CA ILE A 115 -1.65 -15.31 14.49
C ILE A 115 -2.99 -15.98 14.12
N ALA A 116 -3.55 -15.62 12.98
CA ALA A 116 -4.74 -16.30 12.46
C ALA A 116 -4.19 -17.37 11.47
N ALA A 117 -4.35 -18.62 11.81
CA ALA A 117 -3.93 -19.75 10.99
C ALA A 117 -5.02 -20.01 9.97
N ILE A 118 -4.75 -19.70 8.71
CA ILE A 118 -5.73 -19.87 7.62
C ILE A 118 -5.81 -21.34 7.26
N THR A 119 -6.99 -21.94 7.48
CA THR A 119 -7.13 -23.38 7.17
C THR A 119 -7.96 -23.62 5.92
N GLU A 120 -8.78 -22.63 5.52
CA GLU A 120 -9.59 -22.71 4.30
C GLU A 120 -9.67 -21.33 3.68
N SER A 121 -9.64 -21.25 2.34
CA SER A 121 -9.67 -19.97 1.68
C SER A 121 -10.25 -20.07 0.27
N ASP A 122 -10.70 -18.94 -0.28
CA ASP A 122 -11.24 -18.91 -1.65
C ASP A 122 -10.79 -17.63 -2.29
N LYS A 123 -9.96 -17.72 -3.36
CA LYS A 123 -9.44 -16.59 -4.15
C LYS A 123 -8.70 -15.53 -3.30
N PHE A 124 -7.96 -15.99 -2.26
CA PHE A 124 -7.20 -15.11 -1.38
C PHE A 124 -5.71 -15.18 -1.78
N PHE A 125 -5.17 -16.40 -1.84
CA PHE A 125 -3.77 -16.60 -2.25
C PHE A 125 -3.66 -16.48 -3.75
N ILE A 126 -2.65 -15.75 -4.21
CA ILE A 126 -2.41 -15.48 -5.64
C ILE A 126 -1.29 -16.38 -6.17
N ASN A 127 -1.53 -17.06 -7.31
CA ASN A 127 -0.54 -17.91 -7.95
C ASN A 127 0.67 -17.09 -8.42
N GLY A 128 1.86 -17.48 -7.99
CA GLY A 128 3.09 -16.80 -8.35
C GLY A 128 3.45 -15.57 -7.52
N SER A 129 2.58 -15.16 -6.57
CA SER A 129 2.86 -13.96 -5.74
C SER A 129 4.04 -14.15 -4.77
N ASN A 130 4.35 -15.41 -4.40
N ASN A 130 4.31 -15.43 -4.38
CA ASN A 130 5.44 -15.79 -3.49
CA ASN A 130 5.36 -15.91 -3.47
C ASN A 130 5.22 -15.34 -2.03
C ASN A 130 5.06 -15.66 -1.98
N TRP A 131 3.97 -14.97 -1.66
CA TRP A 131 3.68 -14.71 -0.25
C TRP A 131 2.70 -15.76 0.29
N GLU A 132 2.84 -16.09 1.58
CA GLU A 132 2.11 -17.14 2.25
C GLU A 132 1.24 -16.64 3.41
N GLY A 133 1.20 -15.33 3.60
CA GLY A 133 0.38 -14.71 4.61
C GLY A 133 0.41 -13.21 4.48
N ILE A 134 -0.28 -12.54 5.39
CA ILE A 134 -0.42 -11.08 5.35
C ILE A 134 -0.14 -10.50 6.72
N LEU A 135 0.68 -9.43 6.75
CA LEU A 135 0.99 -8.65 7.94
C LEU A 135 0.15 -7.38 7.89
N GLY A 136 -0.97 -7.39 8.60
CA GLY A 136 -1.81 -6.21 8.66
C GLY A 136 -1.22 -5.20 9.63
N LEU A 137 -0.81 -4.05 9.12
CA LEU A 137 -0.13 -3.01 9.87
C LEU A 137 -1.02 -1.90 10.37
N ALA A 138 -2.30 -1.96 10.08
CA ALA A 138 -3.25 -0.93 10.55
C ALA A 138 -3.69 -1.22 11.99
N TYR A 139 -4.66 -0.44 12.48
CA TYR A 139 -4.99 -0.45 13.89
C TYR A 139 -6.01 -1.47 14.30
N ALA A 140 -6.09 -1.67 15.64
CA ALA A 140 -7.01 -2.66 16.19
C ALA A 140 -8.48 -2.47 15.83
N GLU A 141 -8.94 -1.22 15.62
CA GLU A 141 -10.33 -0.98 15.30
C GLU A 141 -10.86 -1.80 14.15
N ILE A 142 -9.99 -2.18 13.18
CA ILE A 142 -10.43 -2.96 12.03
C ILE A 142 -9.93 -4.40 12.05
N ALA A 143 -9.45 -4.86 13.21
CA ALA A 143 -9.03 -6.26 13.37
C ALA A 143 -10.25 -7.16 13.40
N ARG A 144 -10.08 -8.39 12.93
CA ARG A 144 -11.13 -9.40 12.94
C ARG A 144 -10.74 -10.50 13.95
N PRO A 145 -11.64 -11.00 14.80
CA PRO A 145 -13.10 -10.76 14.85
C PRO A 145 -13.50 -9.40 15.42
N ASP A 146 -12.67 -8.81 16.28
CA ASP A 146 -12.96 -7.51 16.87
C ASP A 146 -11.68 -6.80 17.34
N ASP A 147 -11.81 -5.58 17.89
CA ASP A 147 -10.67 -4.77 18.32
C ASP A 147 -9.94 -5.28 19.54
N SER A 148 -10.34 -6.44 20.11
CA SER A 148 -9.57 -6.98 21.23
C SER A 148 -8.41 -7.86 20.74
N LEU A 149 -8.36 -8.14 19.42
CA LEU A 149 -7.27 -8.95 18.86
C LEU A 149 -6.13 -7.99 18.49
N GLU A 150 -5.17 -7.86 19.38
CA GLU A 150 -4.06 -6.92 19.26
C GLU A 150 -3.29 -7.19 17.98
N PRO A 151 -3.13 -6.18 17.10
CA PRO A 151 -2.32 -6.36 15.88
C PRO A 151 -0.83 -6.53 16.19
N PHE A 152 -0.10 -7.08 15.21
CA PHE A 152 1.30 -7.34 15.38
C PHE A 152 2.12 -6.14 15.79
N PHE A 153 1.97 -4.99 15.10
CA PHE A 153 2.84 -3.86 15.42
C PHE A 153 2.59 -3.36 16.82
N ASP A 154 1.34 -3.44 17.29
CA ASP A 154 1.01 -3.06 18.67
C ASP A 154 1.78 -3.97 19.66
N SER A 155 1.83 -5.29 19.36
CA SER A 155 2.56 -6.21 20.25
C SER A 155 4.04 -5.92 20.21
N LEU A 156 4.57 -5.65 19.03
CA LEU A 156 5.98 -5.38 18.89
C LEU A 156 6.36 -4.18 19.74
N VAL A 157 5.58 -3.10 19.69
CA VAL A 157 5.91 -1.89 20.44
C VAL A 157 5.79 -2.11 21.94
N LYS A 158 4.75 -2.82 22.37
CA LYS A 158 4.55 -3.08 23.80
C LYS A 158 5.64 -3.98 24.39
N GLN A 159 6.13 -4.95 23.64
CA GLN A 159 7.05 -5.94 24.18
C GLN A 159 8.51 -5.56 24.05
N THR A 160 8.83 -4.55 23.22
CA THR A 160 10.21 -4.16 22.98
C THR A 160 10.39 -2.67 23.14
N HIS A 161 11.63 -2.20 22.88
CA HIS A 161 11.88 -0.75 22.88
C HIS A 161 11.80 -0.14 21.46
N VAL A 162 11.21 -0.87 20.47
CA VAL A 162 11.14 -0.30 19.12
C VAL A 162 10.21 0.92 19.11
N PRO A 163 10.68 2.08 18.60
CA PRO A 163 9.80 3.26 18.51
C PRO A 163 8.55 2.97 17.66
N ASN A 164 7.46 3.63 17.99
CA ASN A 164 6.13 3.40 17.39
C ASN A 164 5.98 4.10 16.04
N LEU A 165 6.75 3.60 15.07
CA LEU A 165 6.77 4.16 13.72
C LEU A 165 7.40 3.14 12.80
N PHE A 166 6.96 3.13 11.53
CA PHE A 166 7.62 2.34 10.52
C PHE A 166 7.53 3.12 9.21
N SER A 167 8.40 2.81 8.27
CA SER A 167 8.38 3.49 7.00
C SER A 167 8.50 2.51 5.86
N LEU A 168 7.92 2.86 4.71
CA LEU A 168 7.92 2.00 3.53
C LEU A 168 8.46 2.71 2.33
N GLN A 169 9.41 2.08 1.65
CA GLN A 169 9.97 2.53 0.40
C GLN A 169 9.68 1.41 -0.59
N LEU A 170 8.62 1.56 -1.36
CA LEU A 170 8.20 0.57 -2.34
C LEU A 170 8.79 0.97 -3.67
N CYS A 171 9.64 0.08 -4.24
CA CYS A 171 10.27 0.41 -5.51
C CYS A 171 9.66 -0.43 -6.61
N GLY A 172 8.94 0.23 -7.51
CA GLY A 172 8.24 -0.41 -8.62
C GLY A 172 9.14 -1.05 -9.66
N LEU A 183 11.41 -6.31 -16.21
CA LEU A 183 11.07 -7.55 -15.50
C LEU A 183 10.05 -7.29 -14.39
N ALA A 184 9.28 -8.32 -14.02
CA ALA A 184 8.22 -8.25 -13.02
C ALA A 184 8.69 -8.09 -11.57
N SER A 185 9.94 -8.49 -11.22
CA SER A 185 10.42 -8.41 -9.83
C SER A 185 10.55 -6.97 -9.30
N VAL A 186 10.04 -6.75 -8.09
CA VAL A 186 10.09 -5.46 -7.40
C VAL A 186 10.83 -5.65 -6.07
N GLY A 187 11.19 -4.55 -5.45
CA GLY A 187 11.88 -4.57 -4.19
C GLY A 187 11.55 -3.34 -3.42
N GLY A 188 12.10 -3.24 -2.24
CA GLY A 188 11.88 -2.08 -1.40
C GLY A 188 12.38 -2.31 -0.02
N SER A 189 12.01 -1.40 0.88
CA SER A 189 12.43 -1.46 2.27
C SER A 189 11.28 -1.16 3.20
N MET A 190 11.18 -1.93 4.29
CA MET A 190 10.32 -1.62 5.39
C MET A 190 11.30 -1.36 6.55
N ILE A 191 11.33 -0.13 7.05
CA ILE A 191 12.21 0.28 8.14
C ILE A 191 11.35 0.35 9.38
N ILE A 192 11.58 -0.53 10.33
CA ILE A 192 10.79 -0.54 11.53
C ILE A 192 11.52 0.20 12.61
N GLY A 193 10.82 1.15 13.20
CA GLY A 193 11.28 1.93 14.33
C GLY A 193 11.99 3.22 13.99
N GLY A 194 12.01 3.56 12.70
CA GLY A 194 12.68 4.80 12.33
C GLY A 194 12.59 5.17 10.87
N ILE A 195 13.31 6.23 10.56
CA ILE A 195 13.38 6.86 9.25
C ILE A 195 14.83 6.77 8.82
N ASP A 196 15.04 6.23 7.64
CA ASP A 196 16.37 6.08 7.05
C ASP A 196 16.51 7.18 6.00
N HIS A 197 17.37 8.19 6.29
CA HIS A 197 17.60 9.33 5.42
C HIS A 197 18.17 8.97 4.04
N SER A 198 18.85 7.82 3.93
CA SER A 198 19.43 7.36 2.66
CA SER A 198 19.42 7.38 2.66
C SER A 198 18.33 6.96 1.66
N LEU A 199 17.08 6.78 2.15
CA LEU A 199 15.98 6.33 1.29
C LEU A 199 15.15 7.40 0.61
N TYR A 200 15.40 8.67 0.93
CA TYR A 200 14.64 9.75 0.31
C TYR A 200 15.52 10.94 0.08
N THR A 201 15.01 11.84 -0.76
CA THR A 201 15.64 13.14 -1.02
C THR A 201 14.62 14.23 -0.71
N GLY A 202 15.12 15.44 -0.51
CA GLY A 202 14.27 16.58 -0.21
C GLY A 202 13.64 16.51 1.16
N SER A 203 12.53 17.21 1.33
CA SER A 203 11.83 17.27 2.61
C SER A 203 10.70 16.24 2.78
N LEU A 204 10.46 15.83 4.04
CA LEU A 204 9.34 14.97 4.41
C LEU A 204 8.20 15.93 4.78
N TRP A 205 7.03 15.71 4.18
CA TRP A 205 5.81 16.49 4.45
C TRP A 205 4.82 15.59 5.15
N TYR A 206 4.21 16.06 6.23
CA TYR A 206 3.29 15.25 7.03
C TYR A 206 1.85 15.65 6.94
N THR A 207 0.98 14.63 6.88
CA THR A 207 -0.45 14.81 6.88
C THR A 207 -1.00 14.11 8.12
N PRO A 208 -1.97 14.68 8.84
CA PRO A 208 -2.44 13.99 10.06
C PRO A 208 -3.18 12.67 9.79
N ILE A 209 -3.06 11.70 10.70
CA ILE A 209 -3.90 10.49 10.65
C ILE A 209 -5.19 10.96 11.32
N ARG A 210 -6.30 11.00 10.57
CA ARG A 210 -7.58 11.53 11.01
C ARG A 210 -8.22 10.67 12.08
N ARG A 211 -8.15 9.33 11.92
CA ARG A 211 -8.73 8.37 12.84
C ARG A 211 -7.86 7.15 12.75
N GLU A 212 -7.61 6.53 13.89
CA GLU A 212 -6.80 5.34 13.98
C GLU A 212 -7.63 4.10 13.75
N TRP A 213 -7.77 3.72 12.50
CA TRP A 213 -8.49 2.48 12.16
C TRP A 213 -7.74 1.94 10.93
N TYR A 214 -8.12 2.37 9.73
CA TYR A 214 -7.23 2.35 8.58
C TYR A 214 -6.24 3.51 8.86
N TYR A 215 -5.25 3.71 7.98
CA TYR A 215 -4.43 4.93 8.04
C TYR A 215 -5.21 5.97 7.22
N GLU A 216 -6.17 6.63 7.89
CA GLU A 216 -7.09 7.55 7.24
C GLU A 216 -6.50 8.94 7.17
N VAL A 217 -6.54 9.55 5.97
CA VAL A 217 -6.00 10.88 5.73
C VAL A 217 -7.06 11.74 5.03
N ILE A 218 -6.74 13.00 4.78
CA ILE A 218 -7.64 13.93 4.09
C ILE A 218 -6.98 14.55 2.85
N ILE A 219 -7.65 14.43 1.71
CA ILE A 219 -7.26 15.06 0.46
C ILE A 219 -8.05 16.38 0.34
N VAL A 220 -7.37 17.50 0.08
CA VAL A 220 -8.04 18.79 0.02
C VAL A 220 -8.21 19.33 -1.40
N ARG A 221 -7.50 18.76 -2.38
CA ARG A 221 -7.56 19.27 -3.76
C ARG A 221 -6.98 18.18 -4.67
N VAL A 222 -7.48 18.10 -5.89
CA VAL A 222 -6.95 17.21 -6.92
C VAL A 222 -6.77 18.01 -8.19
N GLU A 223 -5.60 17.87 -8.83
CA GLU A 223 -5.32 18.54 -10.09
C GLU A 223 -4.85 17.54 -11.10
N ILE A 224 -5.26 17.72 -12.35
CA ILE A 224 -4.81 16.87 -13.46
C ILE A 224 -4.22 17.83 -14.48
N ASN A 225 -2.93 17.66 -14.78
CA ASN A 225 -2.11 18.59 -15.56
C ASN A 225 -2.34 20.05 -15.14
N GLY A 226 -2.25 20.24 -13.84
CA GLY A 226 -2.34 21.54 -13.22
C GLY A 226 -3.73 22.12 -13.14
N GLN A 227 -4.75 21.39 -13.63
CA GLN A 227 -6.12 21.91 -13.64
C GLN A 227 -6.87 21.31 -12.47
N ASP A 228 -7.35 22.17 -11.59
CA ASP A 228 -8.17 21.80 -10.45
C ASP A 228 -9.45 21.09 -10.91
N LEU A 229 -9.82 19.96 -10.27
CA LEU A 229 -11.07 19.28 -10.57
C LEU A 229 -12.28 20.08 -10.08
N LYS A 230 -12.05 21.05 -9.21
CA LYS A 230 -13.06 22.02 -8.72
C LYS A 230 -14.27 21.38 -8.06
N MET A 231 -13.98 20.48 -7.12
CA MET A 231 -15.04 19.86 -6.37
C MET A 231 -14.95 20.29 -4.96
N ASP A 232 -16.10 20.26 -4.25
CA ASP A 232 -16.09 20.47 -2.82
C ASP A 232 -15.13 19.39 -2.28
N CYS A 233 -14.16 19.79 -1.46
CA CYS A 233 -13.14 18.84 -1.04
C CYS A 233 -13.67 17.63 -0.26
N LYS A 234 -14.90 17.69 0.30
CA LYS A 234 -15.42 16.49 0.96
C LYS A 234 -15.62 15.35 -0.05
N GLU A 235 -15.82 15.67 -1.34
CA GLU A 235 -16.03 14.64 -2.34
C GLU A 235 -14.79 13.74 -2.47
N TYR A 236 -13.59 14.31 -2.24
CA TYR A 236 -12.34 13.52 -2.38
C TYR A 236 -12.20 12.51 -1.29
N ASN A 237 -12.93 12.70 -0.18
CA ASN A 237 -12.84 11.84 0.99
C ASN A 237 -14.14 11.13 1.30
N TYR A 238 -15.00 10.92 0.28
CA TYR A 238 -16.26 10.23 0.49
C TYR A 238 -16.04 8.71 0.37
N ASP A 239 -16.23 7.88 1.44
CA ASP A 239 -16.56 8.22 2.83
C ASP A 239 -15.31 8.22 3.75
N LYS A 240 -14.14 7.88 3.20
CA LYS A 240 -12.84 8.02 3.86
C LYS A 240 -11.79 7.97 2.77
N SER A 241 -10.57 8.40 3.11
CA SER A 241 -9.39 8.26 2.24
C SER A 241 -8.34 7.54 3.07
N ILE A 242 -7.70 6.51 2.50
CA ILE A 242 -6.72 5.72 3.25
C ILE A 242 -5.46 5.51 2.44
N VAL A 243 -4.38 5.16 3.16
CA VAL A 243 -3.09 4.79 2.56
C VAL A 243 -2.94 3.30 2.71
N ASP A 244 -2.87 2.58 1.58
CA ASP A 244 -2.96 1.12 1.60
C ASP A 244 -1.94 0.44 0.70
N SER A 245 -0.91 -0.14 1.33
CA SER A 245 0.10 -0.89 0.58
C SER A 245 -0.41 -2.21 0.05
N GLY A 246 -1.59 -2.64 0.46
CA GLY A 246 -2.21 -3.88 0.00
C GLY A 246 -3.12 -3.68 -1.20
N THR A 247 -3.17 -2.45 -1.78
CA THR A 247 -4.00 -2.13 -2.97
C THR A 247 -3.08 -1.63 -4.06
N THR A 248 -3.19 -2.13 -5.29
CA THR A 248 -2.37 -1.62 -6.37
C THR A 248 -2.74 -0.21 -6.79
N ASN A 249 -4.03 0.01 -7.05
CA ASN A 249 -4.46 1.24 -7.72
C ASN A 249 -4.58 2.44 -6.84
N LEU A 250 -4.74 3.58 -7.51
CA LEU A 250 -5.25 4.78 -6.91
C LEU A 250 -6.75 4.60 -7.15
N ARG A 251 -7.53 4.38 -6.08
CA ARG A 251 -8.98 4.17 -6.21
C ARG A 251 -9.70 5.43 -5.74
N LEU A 252 -10.68 5.91 -6.53
CA LEU A 252 -11.34 7.19 -6.26
C LEU A 252 -12.83 7.02 -6.19
N PRO A 253 -13.51 7.84 -5.35
CA PRO A 253 -14.97 7.81 -5.32
C PRO A 253 -15.49 8.12 -6.72
N LYS A 254 -16.64 7.51 -7.07
CA LYS A 254 -17.25 7.61 -8.39
C LYS A 254 -17.20 9.01 -9.01
N LYS A 255 -17.68 10.05 -8.30
CA LYS A 255 -17.73 11.39 -8.85
C LYS A 255 -16.34 11.92 -9.24
N VAL A 256 -15.34 11.64 -8.37
CA VAL A 256 -13.97 12.09 -8.58
C VAL A 256 -13.33 11.27 -9.72
N PHE A 257 -13.60 9.96 -9.74
CA PHE A 257 -13.07 9.07 -10.75
C PHE A 257 -13.55 9.51 -12.15
N GLU A 258 -14.86 9.83 -12.27
CA GLU A 258 -15.37 10.24 -13.59
C GLU A 258 -14.74 11.54 -14.05
N ALA A 259 -14.59 12.51 -13.13
CA ALA A 259 -13.93 13.78 -13.49
C ALA A 259 -12.48 13.59 -13.85
N ALA A 260 -11.77 12.70 -13.13
CA ALA A 260 -10.38 12.42 -13.40
C ALA A 260 -10.22 11.81 -14.79
N VAL A 261 -11.06 10.81 -15.13
CA VAL A 261 -10.98 10.17 -16.46
C VAL A 261 -11.25 11.18 -17.55
N LYS A 262 -12.26 12.07 -17.38
CA LYS A 262 -12.54 13.10 -18.40
C LYS A 262 -11.30 13.96 -18.62
N SER A 263 -10.65 14.38 -17.52
CA SER A 263 -9.48 15.24 -17.63
C SER A 263 -8.26 14.54 -18.25
N ILE A 264 -8.04 13.25 -17.93
CA ILE A 264 -6.92 12.51 -18.50
C ILE A 264 -7.19 12.25 -19.98
N LYS A 265 -8.46 11.93 -20.33
CA LYS A 265 -8.80 11.77 -21.75
C LYS A 265 -8.57 13.06 -22.53
N ALA A 266 -8.96 14.22 -21.97
CA ALA A 266 -8.78 15.49 -22.67
C ALA A 266 -7.29 15.78 -22.91
N ALA A 267 -6.44 15.52 -21.90
CA ALA A 267 -5.00 15.75 -22.05
C ALA A 267 -4.34 14.82 -23.10
N SER A 268 -4.82 13.58 -23.22
CA SER A 268 -4.24 12.54 -24.06
C SER A 268 -5.03 12.31 -25.37
N SER A 269 -5.87 13.30 -25.75
CA SER A 269 -6.77 13.15 -26.90
C SER A 269 -6.10 12.92 -28.28
N THR A 270 -4.78 13.07 -28.40
CA THR A 270 -4.10 12.77 -29.67
C THR A 270 -4.17 11.27 -30.01
N GLU A 271 -4.41 10.42 -28.98
CA GLU A 271 -4.58 8.99 -29.15
C GLU A 271 -5.86 8.58 -28.45
N LYS A 272 -6.63 7.69 -29.07
CA LYS A 272 -7.89 7.23 -28.51
C LYS A 272 -7.80 5.76 -28.17
N PHE A 273 -8.21 5.41 -26.95
CA PHE A 273 -8.13 4.05 -26.44
C PHE A 273 -9.52 3.47 -26.22
N PRO A 274 -9.68 2.12 -26.20
CA PRO A 274 -11.03 1.58 -25.95
C PRO A 274 -11.56 1.95 -24.58
N ASP A 275 -12.90 2.04 -24.46
CA ASP A 275 -13.58 2.35 -23.19
C ASP A 275 -13.12 1.36 -22.11
N GLY A 276 -12.88 0.11 -22.51
CA GLY A 276 -12.44 -0.95 -21.63
C GLY A 276 -11.13 -0.61 -20.95
N PHE A 277 -10.27 0.16 -21.63
CA PHE A 277 -9.01 0.56 -21.01
C PHE A 277 -9.24 1.43 -19.79
N TRP A 278 -10.09 2.44 -19.92
CA TRP A 278 -10.34 3.36 -18.83
C TRP A 278 -11.07 2.69 -17.67
N LEU A 279 -11.69 1.52 -17.91
CA LEU A 279 -12.38 0.75 -16.87
C LEU A 279 -11.48 -0.35 -16.30
N GLY A 280 -10.23 -0.46 -16.79
CA GLY A 280 -9.30 -1.49 -16.35
C GLY A 280 -9.65 -2.88 -16.84
N GLU A 281 -10.40 -2.96 -17.93
CA GLU A 281 -10.84 -4.24 -18.51
C GLU A 281 -9.98 -4.66 -19.71
N GLN A 282 -9.15 -3.73 -20.21
CA GLN A 282 -8.32 -3.98 -21.39
C GLN A 282 -6.99 -3.29 -21.22
N LEU A 283 -5.97 -3.80 -21.90
CA LEU A 283 -4.64 -3.23 -21.87
C LEU A 283 -4.44 -2.36 -23.08
N VAL A 284 -3.55 -1.38 -22.99
CA VAL A 284 -3.14 -0.59 -24.15
C VAL A 284 -1.67 -0.92 -24.40
N CYS A 285 -1.32 -1.24 -25.66
CA CYS A 285 0.05 -1.67 -25.99
C CYS A 285 0.69 -0.78 -27.01
N TRP A 286 2.00 -0.58 -26.88
CA TRP A 286 2.81 0.14 -27.88
C TRP A 286 4.06 -0.71 -28.17
N GLN A 287 4.59 -0.57 -29.37
CA GLN A 287 5.86 -1.22 -29.74
C GLN A 287 6.89 -0.92 -28.63
N ALA A 288 7.62 -1.95 -28.15
CA ALA A 288 8.59 -1.79 -27.07
C ALA A 288 9.43 -0.50 -27.18
N GLY A 289 9.46 0.27 -26.10
CA GLY A 289 10.23 1.50 -25.99
C GLY A 289 9.57 2.75 -26.53
N THR A 290 8.38 2.60 -27.16
CA THR A 290 7.73 3.74 -27.81
C THR A 290 6.55 4.38 -27.04
N THR A 291 6.32 3.99 -25.78
CA THR A 291 5.21 4.57 -25.00
C THR A 291 5.24 6.10 -25.06
N PRO A 292 4.14 6.74 -25.47
CA PRO A 292 4.12 8.21 -25.57
C PRO A 292 3.80 8.87 -24.21
N TRP A 293 4.74 8.77 -23.24
CA TRP A 293 4.49 9.30 -21.88
C TRP A 293 4.02 10.75 -21.86
N ASN A 294 4.58 11.59 -22.75
CA ASN A 294 4.30 13.02 -22.74
C ASN A 294 2.88 13.38 -23.11
N ILE A 295 2.06 12.46 -23.69
CA ILE A 295 0.66 12.80 -23.99
C ILE A 295 -0.19 12.63 -22.73
N PHE A 296 0.37 11.98 -21.68
CA PHE A 296 -0.38 11.76 -20.47
C PHE A 296 -0.04 12.79 -19.42
N PRO A 297 -1.03 13.23 -18.66
CA PRO A 297 -0.78 14.32 -17.70
C PRO A 297 -0.24 13.84 -16.35
N VAL A 298 0.29 14.81 -15.60
CA VAL A 298 0.63 14.55 -14.21
C VAL A 298 -0.64 14.70 -13.37
N ILE A 299 -0.67 14.01 -12.25
CA ILE A 299 -1.81 14.04 -11.32
C ILE A 299 -1.28 14.46 -9.98
N SER A 300 -1.89 15.47 -9.37
CA SER A 300 -1.46 15.90 -8.04
C SER A 300 -2.58 15.73 -7.03
N LEU A 301 -2.27 15.08 -5.89
CA LEU A 301 -3.19 15.01 -4.77
C LEU A 301 -2.64 15.92 -3.70
N TYR A 302 -3.47 16.85 -3.24
CA TYR A 302 -3.01 17.76 -2.17
C TYR A 302 -3.55 17.17 -0.86
N LEU A 303 -2.68 16.96 0.11
CA LEU A 303 -3.04 16.40 1.40
C LEU A 303 -3.08 17.49 2.43
N MET A 304 -3.98 17.35 3.40
CA MET A 304 -4.06 18.28 4.51
C MET A 304 -2.74 18.32 5.24
N GLY A 305 -2.28 19.52 5.55
CA GLY A 305 -1.06 19.69 6.31
C GLY A 305 -1.31 19.59 7.81
N GLU A 306 -0.24 19.81 8.59
CA GLU A 306 -0.38 19.75 10.04
C GLU A 306 -0.89 21.09 10.60
N VAL A 307 -0.97 22.15 9.78
CA VAL A 307 -1.42 23.50 10.15
C VAL A 307 -2.68 23.82 9.37
N THR A 308 -3.63 24.56 9.99
CA THR A 308 -4.89 24.92 9.36
C THR A 308 -4.78 25.49 7.98
N ASN A 309 -5.56 24.91 7.03
CA ASN A 309 -5.71 25.32 5.64
C ASN A 309 -4.40 25.39 4.85
N GLN A 310 -3.37 24.72 5.37
CA GLN A 310 -2.13 24.51 4.66
C GLN A 310 -2.17 23.07 4.13
N SER A 311 -1.50 22.86 2.99
CA SER A 311 -1.44 21.54 2.39
C SER A 311 -0.13 21.37 1.64
N PHE A 312 0.12 20.13 1.20
CA PHE A 312 1.25 19.84 0.35
C PHE A 312 0.73 18.95 -0.74
N ARG A 313 1.46 18.84 -1.86
CA ARG A 313 0.99 17.94 -2.91
C ARG A 313 1.97 16.85 -3.21
N ILE A 314 1.39 15.73 -3.62
CA ILE A 314 2.10 14.53 -4.13
CA ILE A 314 2.16 14.60 -4.12
C ILE A 314 1.78 14.51 -5.61
N THR A 315 2.79 14.56 -6.49
CA THR A 315 2.51 14.55 -7.91
C THR A 315 3.08 13.30 -8.52
N ILE A 316 2.22 12.59 -9.24
CA ILE A 316 2.62 11.37 -9.93
C ILE A 316 2.61 11.53 -11.43
N LEU A 317 3.39 10.69 -12.08
CA LEU A 317 3.56 10.69 -13.51
C LEU A 317 2.78 9.52 -14.11
N PRO A 318 2.60 9.53 -15.44
CA PRO A 318 1.94 8.37 -16.07
C PRO A 318 2.70 7.07 -15.86
N GLN A 319 4.02 7.14 -15.64
CA GLN A 319 4.80 5.91 -15.40
C GLN A 319 4.32 5.23 -14.11
N GLN A 320 3.61 5.98 -13.24
CA GLN A 320 3.07 5.46 -12.01
C GLN A 320 1.64 4.96 -12.14
N TYR A 321 0.80 5.63 -12.94
CA TYR A 321 -0.61 5.19 -13.03
C TYR A 321 -0.94 4.38 -14.28
N LEU A 322 0.03 4.20 -15.20
CA LEU A 322 -0.12 3.28 -16.34
C LEU A 322 0.84 2.16 -16.00
N ARG A 323 0.34 1.05 -15.50
CA ARG A 323 1.19 -0.01 -14.97
C ARG A 323 1.48 -1.09 -15.99
N PRO A 324 2.77 -1.40 -16.21
CA PRO A 324 3.10 -2.44 -17.19
C PRO A 324 2.60 -3.81 -16.76
N VAL A 325 2.07 -4.58 -17.72
CA VAL A 325 1.63 -5.94 -17.41
C VAL A 325 2.66 -6.85 -18.06
N GLU A 326 3.47 -7.54 -17.24
CA GLU A 326 4.52 -8.41 -17.76
C GLU A 326 3.88 -9.68 -18.29
N ASP A 327 4.20 -10.04 -19.52
CA ASP A 327 3.67 -11.20 -20.18
C ASP A 327 4.63 -11.47 -21.32
N VAL A 328 5.35 -12.58 -21.25
CA VAL A 328 6.28 -12.90 -22.33
C VAL A 328 5.54 -12.91 -23.68
N ALA A 329 4.28 -13.37 -23.71
CA ALA A 329 3.54 -13.50 -24.95
C ALA A 329 3.28 -12.17 -25.65
N THR A 330 3.19 -11.07 -24.91
CA THR A 330 2.95 -9.75 -25.53
C THR A 330 4.22 -8.90 -25.57
N SER A 331 5.39 -9.50 -25.30
CA SER A 331 6.61 -8.75 -25.07
C SER A 331 7.27 -8.16 -26.30
N GLN A 332 6.65 -8.27 -27.48
CA GLN A 332 7.17 -7.45 -28.60
C GLN A 332 6.77 -5.98 -28.27
N ASP A 333 5.77 -5.81 -27.40
CA ASP A 333 5.24 -4.51 -26.99
C ASP A 333 5.42 -4.29 -25.52
N ASP A 334 5.13 -3.04 -25.10
CA ASP A 334 4.96 -2.72 -23.68
C ASP A 334 3.46 -2.48 -23.56
N CYS A 335 2.81 -3.23 -22.68
CA CYS A 335 1.36 -3.21 -22.49
C CYS A 335 1.08 -2.74 -21.09
N TYR A 336 0.04 -1.90 -20.95
CA TYR A 336 -0.26 -1.28 -19.68
C TYR A 336 -1.71 -1.39 -19.33
N LYS A 337 -1.97 -1.44 -18.01
CA LYS A 337 -3.29 -1.35 -17.44
C LYS A 337 -3.41 0.07 -16.82
N PHE A 338 -4.56 0.69 -16.97
CA PHE A 338 -4.86 1.98 -16.34
C PHE A 338 -5.13 1.64 -14.87
N ALA A 339 -4.29 2.17 -13.96
CA ALA A 339 -4.34 1.81 -12.55
C ALA A 339 -5.00 2.87 -11.65
N ILE A 340 -5.98 3.55 -12.21
CA ILE A 340 -6.86 4.44 -11.45
C ILE A 340 -8.22 3.82 -11.63
N SER A 341 -8.98 3.57 -10.55
CA SER A 341 -10.26 2.90 -10.68
C SER A 341 -11.27 3.45 -9.68
N GLN A 342 -12.52 3.09 -9.90
CA GLN A 342 -13.62 3.61 -9.10
C GLN A 342 -13.76 2.82 -7.80
N SER A 343 -14.17 3.50 -6.75
CA SER A 343 -14.41 2.88 -5.47
C SER A 343 -15.76 3.34 -4.93
N SER A 344 -16.44 2.48 -4.19
CA SER A 344 -17.67 2.88 -3.50
C SER A 344 -17.38 2.95 -1.99
N THR A 345 -16.11 2.75 -1.58
CA THR A 345 -15.71 2.76 -0.17
C THR A 345 -14.63 3.82 0.14
N GLY A 346 -14.55 4.85 -0.69
CA GLY A 346 -13.64 5.95 -0.48
C GLY A 346 -12.36 5.86 -1.27
N THR A 347 -11.52 6.88 -1.12
CA THR A 347 -10.25 6.91 -1.83
C THR A 347 -9.27 5.88 -1.21
N VAL A 348 -8.52 5.21 -2.08
CA VAL A 348 -7.47 4.33 -1.66
C VAL A 348 -6.21 4.75 -2.35
N MET A 349 -5.23 5.24 -1.58
CA MET A 349 -3.91 5.60 -2.09
C MET A 349 -3.08 4.33 -1.98
N GLY A 350 -3.10 3.55 -3.06
CA GLY A 350 -2.37 2.29 -3.15
C GLY A 350 -0.97 2.45 -3.69
N ALA A 351 -0.42 1.34 -4.20
CA ALA A 351 0.97 1.36 -4.72
C ALA A 351 1.20 2.43 -5.81
N VAL A 352 0.18 2.78 -6.59
CA VAL A 352 0.31 3.84 -7.60
C VAL A 352 0.81 5.13 -6.94
N ILE A 353 0.37 5.39 -5.73
CA ILE A 353 0.78 6.57 -5.02
C ILE A 353 2.06 6.30 -4.28
N MET A 354 2.21 5.15 -3.62
CA MET A 354 3.34 4.87 -2.73
C MET A 354 4.66 4.59 -3.42
N GLU A 355 4.65 3.90 -4.58
CA GLU A 355 5.90 3.60 -5.28
C GLU A 355 6.60 4.87 -5.72
N GLY A 356 7.89 4.97 -5.44
CA GLY A 356 8.67 6.17 -5.77
C GLY A 356 8.64 7.22 -4.69
N PHE A 357 7.90 6.97 -3.60
CA PHE A 357 7.84 7.86 -2.44
C PHE A 357 8.27 7.07 -1.25
N TYR A 358 8.83 7.76 -0.28
CA TYR A 358 9.18 7.18 1.00
C TYR A 358 8.06 7.63 1.94
N VAL A 359 7.34 6.65 2.52
CA VAL A 359 6.13 6.92 3.30
C VAL A 359 6.37 6.50 4.73
N VAL A 360 6.25 7.47 5.64
CA VAL A 360 6.50 7.26 7.07
C VAL A 360 5.18 7.18 7.80
N PHE A 361 4.93 6.04 8.44
CA PHE A 361 3.73 5.81 9.23
C PHE A 361 4.12 6.13 10.66
N ASP A 362 4.01 7.42 11.00
CA ASP A 362 4.42 7.93 12.32
C ASP A 362 3.25 7.79 13.28
N ARG A 363 3.08 6.57 13.79
CA ARG A 363 1.97 6.26 14.69
C ARG A 363 2.08 7.06 16.00
N ALA A 364 3.34 7.25 16.49
CA ALA A 364 3.56 7.98 17.75
C ALA A 364 3.04 9.42 17.67
N ARG A 365 3.18 10.07 16.50
CA ARG A 365 2.72 11.45 16.31
C ARG A 365 1.43 11.54 15.49
N LYS A 366 0.77 10.40 15.21
CA LYS A 366 -0.53 10.33 14.50
C LYS A 366 -0.46 11.10 13.17
N ARG A 367 0.57 10.76 12.38
CA ARG A 367 0.77 11.45 11.11
C ARG A 367 1.48 10.54 10.12
N ILE A 368 1.32 10.84 8.82
CA ILE A 368 1.96 10.09 7.73
C ILE A 368 2.82 11.09 6.97
N GLY A 369 4.09 10.74 6.78
CA GLY A 369 5.02 11.59 6.03
C GLY A 369 5.27 11.03 4.65
N PHE A 370 5.42 11.94 3.69
CA PHE A 370 5.75 11.61 2.31
C PHE A 370 6.99 12.38 1.90
N ALA A 371 7.90 11.70 1.18
CA ALA A 371 9.07 12.35 0.55
C ALA A 371 9.36 11.63 -0.76
N VAL A 372 10.07 12.29 -1.67
CA VAL A 372 10.49 11.62 -2.89
C VAL A 372 11.50 10.52 -2.54
N SER A 373 11.30 9.32 -3.05
CA SER A 373 12.18 8.21 -2.75
C SER A 373 13.46 8.24 -3.57
N ALA A 374 14.51 7.59 -3.04
CA ALA A 374 15.77 7.42 -3.77
C ALA A 374 15.52 6.50 -5.01
N CYS A 375 14.43 5.69 -5.00
CA CYS A 375 14.03 4.85 -6.13
C CYS A 375 12.82 5.49 -6.71
N HIS A 376 12.94 6.02 -7.91
CA HIS A 376 11.81 6.76 -8.44
C HIS A 376 11.76 6.75 -9.93
N VAL A 377 10.59 7.15 -10.43
CA VAL A 377 10.37 7.35 -11.84
C VAL A 377 10.40 8.84 -12.09
N HIS A 378 11.20 9.17 -13.05
CA HIS A 378 11.36 10.47 -13.63
C HIS A 378 11.90 10.16 -14.99
N ASP A 379 11.37 10.85 -15.97
CA ASP A 379 11.96 10.69 -17.26
C ASP A 379 12.76 11.98 -17.38
N GLU A 380 13.15 12.34 -18.60
CA GLU A 380 13.99 13.53 -18.77
C GLU A 380 13.19 14.83 -18.79
N PHE A 381 11.84 14.77 -18.75
CA PHE A 381 11.05 16.00 -18.77
C PHE A 381 10.37 16.35 -17.44
N ARG A 382 9.93 15.33 -16.71
CA ARG A 382 9.12 15.51 -15.52
C ARG A 382 9.61 14.59 -14.43
N THR A 383 9.32 14.94 -13.18
CA THR A 383 9.76 14.21 -12.01
CA THR A 383 9.69 14.13 -12.05
C THR A 383 8.58 14.12 -11.03
N ALA A 384 8.38 12.96 -10.41
CA ALA A 384 7.35 12.90 -9.35
C ALA A 384 7.84 13.78 -8.22
N ALA A 385 6.91 14.37 -7.44
CA ALA A 385 7.30 15.36 -6.44
C ALA A 385 6.48 15.29 -5.19
N VAL A 386 7.01 15.85 -4.09
CA VAL A 386 6.28 16.07 -2.84
C VAL A 386 6.64 17.48 -2.48
N GLU A 387 5.67 18.40 -2.47
CA GLU A 387 6.00 19.82 -2.38
C GLU A 387 5.01 20.63 -1.62
N GLY A 388 5.44 21.73 -1.07
CA GLY A 388 4.54 22.63 -0.39
C GLY A 388 5.28 23.85 0.15
N PRO A 389 4.61 24.67 0.96
CA PRO A 389 3.21 24.57 1.37
C PRO A 389 2.28 25.30 0.42
N PHE A 390 0.99 24.95 0.45
CA PHE A 390 -0.05 25.62 -0.31
C PHE A 390 -1.09 26.11 0.67
N VAL A 391 -1.67 27.29 0.41
CA VAL A 391 -2.69 27.87 1.28
C VAL A 391 -4.02 27.96 0.52
N THR A 392 -5.13 27.68 1.23
CA THR A 392 -6.51 27.78 0.73
C THR A 392 -7.30 28.51 1.83
N LEU A 393 -7.54 29.83 1.68
CA LEU A 393 -8.26 30.59 2.72
C LEU A 393 -9.75 30.14 2.88
N ASP A 394 -10.29 29.32 1.95
CA ASP A 394 -11.63 28.70 2.06
C ASP A 394 -11.56 27.79 3.30
N MET A 395 -12.34 28.12 4.35
CA MET A 395 -12.30 27.51 5.68
C MET A 395 -12.96 26.13 5.85
N GLU A 396 -13.48 25.52 4.76
CA GLU A 396 -14.20 24.25 4.82
C GLU A 396 -13.36 23.05 5.26
N ASP A 397 -13.91 22.22 6.17
CA ASP A 397 -13.31 20.98 6.65
C ASP A 397 -13.60 19.96 5.55
N CYS A 398 -12.55 19.28 5.05
CA CYS A 398 -12.69 18.33 3.94
C CYS A 398 -13.06 16.91 4.37
N GLY A 399 -13.13 16.72 5.67
CA GLY A 399 -13.50 15.45 6.28
C GLY A 399 -14.93 15.14 5.97
N TYR A 400 -15.17 13.94 5.48
CA TYR A 400 -16.51 13.58 5.08
C TYR A 400 -17.40 13.21 6.26
N ASN A 401 -16.91 12.39 7.20
CA ASN A 401 -17.67 11.93 8.36
C ASN A 401 -17.74 12.96 9.49
C1 BUH B . -4.40 -8.35 -0.74
C2 BUH B . -4.69 -9.71 -1.01
C3 BUH B . -5.66 -10.32 -0.23
C11 BUH B . -7.40 -5.11 0.65
C13 BUH B . -8.02 -7.17 1.87
C14 BUH B . -6.31 -8.14 3.54
C15 BUH B . -6.97 -4.84 -0.83
C17 BUH B . -0.45 -5.23 -2.81
C18 BUH B . -0.27 -5.05 -4.17
C19 BUH B . -0.95 -5.85 -5.10
C20 BUH B . -1.77 -6.84 -4.60
C21 BUH B . -1.92 -6.97 -3.21
C23 BUH B . -2.79 -8.00 -2.57
C26 BUH B . 0.65 -3.97 -4.65
C4 BUH B . -6.30 -9.60 0.78
C5 BUH B . -5.91 -8.26 1.06
N6 BUH B . -4.97 -7.71 0.27
F7 BUH B . -7.21 -10.19 1.52
C8 BUH B . -6.52 -7.41 2.18
N9 BUH B . -5.79 -6.13 2.26
C10 BUH B . -6.19 -5.10 1.62
O12 BUH B . -8.04 -6.39 0.66
N16 BUH B . -5.50 -3.99 1.77
N22 BUH B . -1.26 -6.18 -2.35
N24 BUH B . -3.48 -7.61 -1.49
O25 BUH B . -2.78 -9.14 -3.03
CL BUH B . -2.65 -7.86 -5.72
F28 BUH B . 1.75 -3.93 -3.88
F29 BUH B . 0.99 -4.13 -5.94
F30 BUH B . 0.04 -2.79 -4.45
C31 BUH B . -8.48 -4.13 1.14
F32 BUH B . -8.05 -2.88 0.88
F33 BUH B . -9.61 -4.34 0.39
F34 BUH B . -8.71 -4.29 2.46
#